data_4V3L
#
_entry.id   4V3L
#
_cell.length_a   62.840
_cell.length_b   62.840
_cell.length_c   191.060
_cell.angle_alpha   90.00
_cell.angle_beta   90.00
_cell.angle_gamma   120.00
#
_symmetry.space_group_name_H-M   'P 32 2 1'
#
loop_
_entity.id
_entity.type
_entity.pdbx_description
1 polymer 'UBIQUITIN-CONJUGATING ENZYME E2 D2'
2 polymer POLYUBIQUITIN-C
3 polymer 'E3 UBIQUITIN-PROTEIN LIGASE RNF38'
4 non-polymer 1,2-ETHANEDIOL
5 non-polymer 'ZINC ION'
6 water water
#
loop_
_entity_poly.entity_id
_entity_poly.type
_entity_poly.pdbx_seq_one_letter_code
_entity_poly.pdbx_strand_id
1 'polypeptide(L)'
;ALKRIHKELNDLARDPPAQCSAGPVGDDMFHWQATIMGPNDSPYQGGVFFLTIHFPTDYPFKPPKVAFTTRIYHPNINSN
GSIKLDILRSQWSPALTISKVLLSICSLLCDPNPDDPLVPEIARIYKTDREKYNRIAREWTQKYAM
;
A
2 'polypeptide(L)'
;GSGGSMQIFVKTLTGKTITLEVEPSDTIENVKAKIQDKEGIPPDQQRLIFAGKQLEDGRTLSDYNIQKESTLHLVLRLRG
G
;
B,D
3 'polypeptide(L)' GSTKADIEQLPSYRFNPNNHQSEQTLCVVCMCDFESRQLLRVLPCNHEFHAKCVDKWLKANRTCPICRADASEVHRDSE C
#
loop_
_chem_comp.id
_chem_comp.type
_chem_comp.name
_chem_comp.formula
EDO non-polymer 1,2-ETHANEDIOL 'C2 H6 O2'
ZN non-polymer 'ZINC ION' 'Zn 2'
#
# COMPACT_ATOMS: atom_id res chain seq x y z
N ALA A 1 18.94 1.89 -6.19
CA ALA A 1 17.56 1.44 -6.26
C ALA A 1 17.34 0.08 -5.61
N LEU A 2 18.27 -0.85 -5.85
CA LEU A 2 18.06 -2.22 -5.41
C LEU A 2 18.00 -2.36 -3.88
N LYS A 3 18.80 -1.60 -3.16
CA LYS A 3 18.72 -1.64 -1.71
C LYS A 3 17.34 -1.21 -1.20
N ARG A 4 16.79 -0.15 -1.79
CA ARG A 4 15.49 0.36 -1.41
C ARG A 4 14.41 -0.69 -1.76
N ILE A 5 14.54 -1.30 -2.93
CA ILE A 5 13.55 -2.29 -3.37
C ILE A 5 13.59 -3.53 -2.48
N HIS A 6 14.79 -3.93 -2.07
CA HIS A 6 14.93 -5.06 -1.16
C HIS A 6 14.32 -4.73 0.20
N LYS A 7 14.53 -3.51 0.69
CA LYS A 7 13.87 -3.05 1.92
C LYS A 7 12.37 -3.31 1.86
N GLU A 8 11.78 -2.94 0.74
CA GLU A 8 10.33 -3.01 0.56
C GLU A 8 9.85 -4.44 0.47
N LEU A 9 10.62 -5.27 -0.22
CA LEU A 9 10.38 -6.71 -0.20
C LEU A 9 10.40 -7.18 1.27
N ASN A 10 11.32 -6.63 2.06
CA ASN A 10 11.34 -6.90 3.51
C ASN A 10 10.21 -6.22 4.29
N ASP A 11 9.85 -5.00 3.92
CA ASP A 11 8.72 -4.32 4.57
C ASP A 11 7.46 -5.13 4.42
N LEU A 12 7.30 -5.74 3.24
CA LEU A 12 6.10 -6.52 2.95
C LEU A 12 6.09 -7.81 3.75
N ALA A 13 7.26 -8.42 3.91
CA ALA A 13 7.37 -9.71 4.60
C ALA A 13 7.15 -9.59 6.09
N ARG A 14 7.60 -8.48 6.67
CA ARG A 14 7.41 -8.23 8.11
C ARG A 14 6.01 -7.74 8.43
N ASP A 15 5.41 -6.99 7.51
CA ASP A 15 4.11 -6.37 7.73
C ASP A 15 3.21 -6.45 6.48
N PRO A 16 2.86 -7.68 6.06
CA PRO A 16 2.02 -7.83 4.86
C PRO A 16 0.57 -7.34 5.04
N PRO A 17 0.08 -6.48 4.13
CA PRO A 17 -1.32 -6.03 4.20
C PRO A 17 -2.31 -7.08 3.69
N ALA A 18 -3.48 -7.16 4.31
CA ALA A 18 -4.47 -8.14 3.87
C ALA A 18 -4.93 -7.87 2.43
N GLN A 19 -4.87 -6.61 2.02
CA GLN A 19 -5.47 -6.20 0.75
C GLN A 19 -4.66 -6.54 -0.51
N CYS A 20 -3.35 -6.69 -0.36
CA CYS A 20 -2.51 -6.82 -1.54
CA CYS A 20 -2.47 -6.76 -1.52
C CYS A 20 -1.30 -7.68 -1.24
N SER A 21 -0.66 -8.14 -2.32
CA SER A 21 0.56 -8.93 -2.21
C SER A 21 1.42 -8.58 -3.41
N ALA A 22 2.74 -8.59 -3.24
CA ALA A 22 3.62 -8.28 -4.35
C ALA A 22 5.01 -8.87 -4.13
N GLY A 23 5.69 -9.17 -5.25
CA GLY A 23 7.08 -9.58 -5.18
C GLY A 23 7.65 -9.76 -6.56
N PRO A 24 8.95 -9.98 -6.64
CA PRO A 24 9.67 -10.10 -7.92
C PRO A 24 9.20 -11.28 -8.79
N VAL A 25 9.33 -11.09 -10.10
CA VAL A 25 9.16 -12.14 -11.09
C VAL A 25 10.52 -12.72 -11.47
N GLY A 26 10.69 -14.03 -11.35
CA GLY A 26 11.91 -14.69 -11.78
C GLY A 26 13.17 -14.10 -11.16
N ASP A 27 13.05 -13.68 -9.91
CA ASP A 27 14.18 -13.13 -9.14
C ASP A 27 14.72 -11.84 -9.76
N ASP A 28 13.92 -11.16 -10.55
CA ASP A 28 14.40 -9.91 -11.10
C ASP A 28 13.78 -8.83 -10.24
N MET A 29 14.61 -8.22 -9.39
CA MET A 29 14.08 -7.27 -8.41
C MET A 29 13.47 -6.02 -9.03
N PHE A 30 13.75 -5.75 -10.31
CA PHE A 30 13.12 -4.58 -10.96
C PHE A 30 11.74 -4.86 -11.56
N HIS A 31 11.36 -6.13 -11.64
CA HIS A 31 10.11 -6.50 -12.30
CA HIS A 31 10.09 -6.47 -12.27
C HIS A 31 9.28 -7.35 -11.33
N TRP A 32 8.16 -6.80 -10.85
CA TRP A 32 7.34 -7.50 -9.88
C TRP A 32 5.95 -7.75 -10.42
N GLN A 33 5.27 -8.68 -9.75
CA GLN A 33 3.85 -8.93 -9.96
C GLN A 33 3.13 -8.61 -8.65
N ALA A 34 1.85 -8.24 -8.73
CA ALA A 34 1.09 -7.89 -7.54
C ALA A 34 -0.35 -8.33 -7.65
N THR A 35 -1.01 -8.45 -6.50
CA THR A 35 -2.45 -8.69 -6.48
C THR A 35 -3.10 -7.69 -5.57
N ILE A 36 -4.29 -7.21 -5.96
CA ILE A 36 -5.13 -6.39 -5.11
C ILE A 36 -6.46 -7.09 -5.00
N MET A 37 -6.95 -7.21 -3.78
CA MET A 37 -8.27 -7.76 -3.53
CA MET A 37 -8.27 -7.75 -3.52
C MET A 37 -9.29 -6.64 -3.66
N GLY A 38 -10.33 -6.85 -4.46
CA GLY A 38 -11.34 -5.82 -4.62
C GLY A 38 -11.93 -5.47 -3.26
N PRO A 39 -12.19 -4.17 -3.02
CA PRO A 39 -12.74 -3.82 -1.71
C PRO A 39 -14.11 -4.45 -1.45
N ASN A 40 -14.35 -4.86 -0.21
CA ASN A 40 -15.66 -5.38 0.17
C ASN A 40 -16.69 -4.28 0.06
N ASP A 41 -17.95 -4.67 -0.14
CA ASP A 41 -19.04 -3.71 -0.27
CA ASP A 41 -19.03 -3.71 -0.28
C ASP A 41 -18.77 -2.74 -1.43
N SER A 42 -18.45 -3.30 -2.60
CA SER A 42 -18.26 -2.49 -3.79
C SER A 42 -18.51 -3.41 -4.98
N PRO A 43 -18.53 -2.84 -6.21
CA PRO A 43 -18.76 -3.71 -7.38
C PRO A 43 -17.59 -4.65 -7.62
N TYR A 44 -16.44 -4.37 -7.01
CA TYR A 44 -15.24 -5.17 -7.20
C TYR A 44 -15.07 -6.23 -6.13
N GLN A 45 -16.01 -6.30 -5.20
CA GLN A 45 -15.85 -7.22 -4.08
C GLN A 45 -15.70 -8.67 -4.55
N GLY A 46 -14.77 -9.38 -3.92
CA GLY A 46 -14.55 -10.78 -4.25
C GLY A 46 -13.57 -10.98 -5.39
N GLY A 47 -13.27 -9.92 -6.11
CA GLY A 47 -12.32 -10.02 -7.20
C GLY A 47 -10.87 -10.00 -6.75
N VAL A 48 -10.04 -10.77 -7.44
CA VAL A 48 -8.59 -10.69 -7.25
C VAL A 48 -7.99 -10.16 -8.54
N PHE A 49 -7.37 -8.99 -8.45
CA PHE A 49 -6.84 -8.30 -9.61
C PHE A 49 -5.33 -8.36 -9.65
N PHE A 50 -4.79 -8.79 -10.80
CA PHE A 50 -3.33 -8.88 -10.94
C PHE A 50 -2.77 -7.65 -11.63
N LEU A 51 -1.56 -7.27 -11.22
CA LEU A 51 -0.86 -6.10 -11.76
C LEU A 51 0.60 -6.44 -12.04
N THR A 52 1.23 -5.65 -12.88
CA THR A 52 2.68 -5.72 -13.08
C THR A 52 3.28 -4.44 -12.56
N ILE A 53 4.53 -4.54 -12.09
CA ILE A 53 5.25 -3.41 -11.53
C ILE A 53 6.65 -3.43 -12.09
N HIS A 54 7.05 -2.31 -12.68
CA HIS A 54 8.43 -2.16 -13.14
CA HIS A 54 8.41 -2.15 -13.17
C HIS A 54 9.05 -0.97 -12.44
N PHE A 55 10.08 -1.24 -11.63
CA PHE A 55 10.76 -0.15 -10.95
C PHE A 55 11.84 0.42 -11.87
N PRO A 56 11.93 1.75 -11.96
CA PRO A 56 12.98 2.37 -12.76
C PRO A 56 14.33 2.26 -12.07
N THR A 57 15.39 2.40 -12.85
CA THR A 57 16.73 2.23 -12.31
C THR A 57 17.08 3.31 -11.29
N ASP A 58 16.38 4.45 -11.38
CA ASP A 58 16.51 5.54 -10.41
C ASP A 58 15.48 5.59 -9.29
N TYR A 59 14.68 4.54 -9.15
CA TYR A 59 13.79 4.43 -8.00
C TYR A 59 14.60 4.66 -6.71
N PRO A 60 14.08 5.40 -5.74
CA PRO A 60 12.70 5.91 -5.67
C PRO A 60 12.52 7.36 -6.12
N PHE A 61 13.53 7.88 -6.82
CA PHE A 61 13.46 9.26 -7.31
C PHE A 61 12.46 9.45 -8.44
N LYS A 62 12.09 8.33 -9.06
CA LYS A 62 10.99 8.28 -10.04
C LYS A 62 10.06 7.18 -9.59
N PRO A 63 8.77 7.26 -10.00
CA PRO A 63 7.77 6.30 -9.55
C PRO A 63 7.89 4.94 -10.23
N PRO A 64 7.34 3.91 -9.60
CA PRO A 64 7.21 2.60 -10.25
C PRO A 64 6.18 2.73 -11.37
N LYS A 65 6.36 1.93 -12.42
CA LYS A 65 5.35 1.80 -13.46
C LYS A 65 4.44 0.65 -13.06
N VAL A 66 3.15 0.94 -12.89
CA VAL A 66 2.21 -0.05 -12.39
C VAL A 66 1.03 -0.11 -13.33
N ALA A 67 0.64 -1.32 -13.72
CA ALA A 67 -0.50 -1.51 -14.63
C ALA A 67 -1.26 -2.76 -14.26
N PHE A 68 -2.59 -2.75 -14.48
CA PHE A 68 -3.36 -3.98 -14.28
C PHE A 68 -3.17 -4.94 -15.45
N THR A 69 -3.01 -6.22 -15.14
CA THR A 69 -3.16 -7.30 -16.10
C THR A 69 -4.59 -7.78 -16.24
N THR A 70 -5.29 -7.82 -15.11
CA THR A 70 -6.71 -8.20 -15.07
C THR A 70 -7.56 -7.05 -15.59
N ARG A 71 -8.51 -7.35 -16.48
CA ARG A 71 -9.41 -6.31 -16.95
C ARG A 71 -10.26 -5.81 -15.78
N ILE A 72 -10.50 -4.51 -15.76
CA ILE A 72 -11.27 -3.92 -14.69
C ILE A 72 -12.00 -2.70 -15.24
N TYR A 73 -13.25 -2.48 -14.80
CA TYR A 73 -14.08 -1.40 -15.31
C TYR A 73 -13.95 -0.18 -14.38
N HIS A 74 -13.45 0.95 -14.89
CA HIS A 74 -13.14 2.10 -14.05
C HIS A 74 -12.77 3.30 -14.94
N PRO A 75 -13.14 4.51 -14.52
CA PRO A 75 -12.86 5.67 -15.38
C PRO A 75 -11.38 6.01 -15.54
N ASN A 76 -10.56 5.60 -14.57
CA ASN A 76 -9.14 5.94 -14.56
C ASN A 76 -8.20 4.84 -15.00
N ILE A 77 -8.74 3.71 -15.46
CA ILE A 77 -7.94 2.55 -15.83
C ILE A 77 -8.45 2.13 -17.20
N ASN A 78 -7.57 2.03 -18.19
CA ASN A 78 -8.00 1.78 -19.57
C ASN A 78 -7.95 0.29 -19.97
N SER A 79 -8.26 -0.01 -21.23
CA SER A 79 -8.36 -1.41 -21.66
C SER A 79 -7.02 -2.14 -21.71
N ASN A 80 -5.94 -1.38 -21.62
CA ASN A 80 -4.58 -1.93 -21.53
CA ASN A 80 -4.60 -1.97 -21.55
C ASN A 80 -4.13 -2.09 -20.10
N GLY A 81 -4.99 -1.72 -19.16
CA GLY A 81 -4.64 -1.79 -17.74
C GLY A 81 -3.84 -0.60 -17.25
N SER A 82 -3.64 0.39 -18.11
CA SER A 82 -2.89 1.59 -17.69
C SER A 82 -3.70 2.34 -16.66
N ILE A 83 -3.04 2.81 -15.61
CA ILE A 83 -3.67 3.52 -14.52
C ILE A 83 -3.24 4.98 -14.58
N LYS A 84 -4.19 5.90 -14.74
CA LYS A 84 -3.81 7.30 -14.71
C LYS A 84 -4.13 7.85 -13.34
N LEU A 85 -3.07 8.08 -12.57
CA LEU A 85 -3.20 8.39 -11.17
C LEU A 85 -2.05 9.34 -10.82
N ASP A 86 -2.34 10.42 -10.11
CA ASP A 86 -1.30 11.44 -9.92
C ASP A 86 -0.04 10.97 -9.20
N ILE A 87 -0.18 10.08 -8.22
CA ILE A 87 1.02 9.63 -7.48
C ILE A 87 1.92 8.74 -8.34
N LEU A 88 1.43 8.25 -9.47
CA LEU A 88 2.29 7.51 -10.39
C LEU A 88 2.95 8.42 -11.40
N ARG A 89 2.62 9.70 -11.35
CA ARG A 89 3.20 10.66 -12.25
C ARG A 89 3.74 11.89 -11.49
N SER A 90 3.11 13.05 -11.72
CA SER A 90 3.62 14.30 -11.18
C SER A 90 3.64 14.44 -9.65
N GLN A 91 2.73 13.73 -8.99
CA GLN A 91 2.55 13.77 -7.54
C GLN A 91 3.24 12.64 -6.79
N TRP A 92 4.08 11.89 -7.51
CA TRP A 92 4.94 10.89 -6.87
C TRP A 92 5.74 11.47 -5.71
N SER A 93 5.95 10.65 -4.68
CA SER A 93 6.90 10.98 -3.60
C SER A 93 7.67 9.73 -3.24
N PRO A 94 8.97 9.86 -2.93
CA PRO A 94 9.75 8.67 -2.55
C PRO A 94 9.29 8.08 -1.22
N ALA A 95 8.49 8.83 -0.45
CA ALA A 95 7.96 8.28 0.78
C ALA A 95 6.96 7.14 0.54
N LEU A 96 6.45 7.01 -0.68
CA LEU A 96 5.45 5.98 -0.95
C LEU A 96 6.14 4.69 -1.34
N THR A 97 6.03 3.70 -0.46
CA THR A 97 6.47 2.34 -0.75
C THR A 97 5.48 1.65 -1.70
N ILE A 98 5.93 0.56 -2.31
CA ILE A 98 5.05 -0.16 -3.24
C ILE A 98 3.80 -0.66 -2.50
N SER A 99 3.95 -1.02 -1.23
CA SER A 99 2.78 -1.38 -0.41
C SER A 99 1.78 -0.22 -0.33
N LYS A 100 2.29 0.99 -0.07
CA LYS A 100 1.40 2.16 0.00
C LYS A 100 0.86 2.52 -1.37
N VAL A 101 1.63 2.28 -2.42
CA VAL A 101 1.12 2.51 -3.79
C VAL A 101 -0.04 1.56 -4.11
N LEU A 102 0.12 0.28 -3.77
CA LEU A 102 -0.93 -0.71 -4.05
C LEU A 102 -2.17 -0.39 -3.24
N LEU A 103 -2.00 -0.03 -1.97
CA LEU A 103 -3.15 0.38 -1.16
C LEU A 103 -3.83 1.63 -1.74
N SER A 104 -3.03 2.56 -2.24
CA SER A 104 -3.53 3.78 -2.86
C SER A 104 -4.35 3.43 -4.09
N ILE A 105 -3.82 2.53 -4.93
CA ILE A 105 -4.57 2.08 -6.10
C ILE A 105 -5.88 1.39 -5.71
N CYS A 106 -5.83 0.55 -4.69
CA CYS A 106 -7.04 -0.09 -4.20
C CYS A 106 -8.07 0.98 -3.83
N SER A 107 -7.62 2.03 -3.15
CA SER A 107 -8.51 3.10 -2.69
C SER A 107 -9.06 3.94 -3.85
N LEU A 108 -8.36 3.94 -4.97
CA LEU A 108 -8.82 4.63 -6.18
C LEU A 108 -10.07 3.95 -6.77
N LEU A 109 -10.19 2.63 -6.57
CA LEU A 109 -11.28 1.89 -7.22
C LEU A 109 -12.65 2.49 -6.87
N CYS A 110 -12.83 2.82 -5.60
CA CYS A 110 -14.08 3.46 -5.15
C CYS A 110 -14.08 4.98 -5.06
N ASP A 111 -12.99 5.59 -5.52
CA ASP A 111 -12.84 7.03 -5.51
C ASP A 111 -12.29 7.50 -6.86
N PRO A 112 -13.05 7.28 -7.94
CA PRO A 112 -12.59 7.66 -9.28
C PRO A 112 -12.62 9.16 -9.52
N ASN A 113 -11.90 9.60 -10.56
CA ASN A 113 -12.09 10.97 -11.02
C ASN A 113 -12.72 10.92 -12.40
N PRO A 114 -14.02 11.19 -12.45
CA PRO A 114 -14.77 11.14 -13.70
C PRO A 114 -14.73 12.46 -14.46
N ASP A 115 -14.08 13.47 -13.91
CA ASP A 115 -13.98 14.77 -14.57
C ASP A 115 -12.76 14.95 -15.48
N ASP A 116 -11.65 14.32 -15.10
CA ASP A 116 -10.46 14.25 -15.94
C ASP A 116 -10.19 12.77 -16.11
N PRO A 117 -11.06 12.06 -16.83
CA PRO A 117 -10.94 10.59 -16.91
C PRO A 117 -9.94 10.07 -17.92
N LEU A 118 -9.47 8.84 -17.71
CA LEU A 118 -8.71 8.14 -18.74
C LEU A 118 -9.66 7.53 -19.77
N VAL A 119 -10.84 7.10 -19.33
CA VAL A 119 -11.83 6.49 -20.24
C VAL A 119 -13.13 7.30 -20.21
N PRO A 120 -13.27 8.26 -21.15
CA PRO A 120 -14.41 9.19 -21.07
C PRO A 120 -15.78 8.52 -21.06
N GLU A 121 -16.00 7.47 -21.86
CA GLU A 121 -17.32 6.87 -21.88
C GLU A 121 -17.70 6.31 -20.50
N ILE A 122 -16.74 5.65 -19.84
CA ILE A 122 -17.01 5.10 -18.53
C ILE A 122 -17.32 6.23 -17.52
N ALA A 123 -16.58 7.34 -17.61
CA ALA A 123 -16.84 8.51 -16.77
C ALA A 123 -18.25 9.06 -16.95
N ARG A 124 -18.72 9.09 -18.20
CA ARG A 124 -20.06 9.57 -18.46
C ARG A 124 -21.10 8.66 -17.81
N ILE A 125 -20.91 7.36 -17.93
CA ILE A 125 -21.85 6.39 -17.35
C ILE A 125 -21.79 6.51 -15.82
N TYR A 126 -20.58 6.62 -15.27
CA TYR A 126 -20.46 6.80 -13.82
C TYR A 126 -21.30 7.96 -13.31
N LYS A 127 -21.19 9.10 -13.98
CA LYS A 127 -21.85 10.31 -13.51
C LYS A 127 -23.33 10.35 -13.82
N THR A 128 -23.72 9.84 -14.98
CA THR A 128 -25.10 10.00 -15.45
C THR A 128 -26.01 8.79 -15.32
N ASP A 129 -25.44 7.62 -15.07
CA ASP A 129 -26.22 6.40 -14.88
C ASP A 129 -25.46 5.46 -13.96
N ARG A 130 -25.44 5.77 -12.67
CA ARG A 130 -24.48 5.15 -11.79
C ARG A 130 -24.86 3.70 -11.58
N GLU A 131 -26.16 3.41 -11.65
CA GLU A 131 -26.60 2.03 -11.45
C GLU A 131 -26.10 1.15 -12.59
N LYS A 132 -26.06 1.71 -13.79
CA LYS A 132 -25.50 0.99 -14.94
C LYS A 132 -23.99 0.78 -14.74
N TYR A 133 -23.28 1.83 -14.34
CA TYR A 133 -21.85 1.71 -14.02
C TYR A 133 -21.61 0.56 -13.03
N ASN A 134 -22.37 0.54 -11.94
CA ASN A 134 -22.17 -0.47 -10.90
C ASN A 134 -22.43 -1.87 -11.44
N ARG A 135 -23.47 -2.00 -12.26
CA ARG A 135 -23.83 -3.26 -12.89
CA ARG A 135 -23.80 -3.30 -12.86
C ARG A 135 -22.65 -3.79 -13.71
N ILE A 136 -22.11 -2.93 -14.56
CA ILE A 136 -21.06 -3.34 -15.49
C ILE A 136 -19.79 -3.69 -14.71
N ALA A 137 -19.44 -2.87 -13.73
CA ALA A 137 -18.24 -3.13 -12.91
C ALA A 137 -18.35 -4.47 -12.17
N ARG A 138 -19.55 -4.78 -11.67
CA ARG A 138 -19.79 -6.03 -10.97
C ARG A 138 -19.68 -7.20 -11.96
N GLU A 139 -20.30 -7.04 -13.14
CA GLU A 139 -20.24 -8.07 -14.17
C GLU A 139 -18.80 -8.33 -14.66
N TRP A 140 -18.00 -7.27 -14.86
CA TRP A 140 -16.58 -7.45 -15.20
C TRP A 140 -15.79 -8.13 -14.09
N THR A 141 -16.09 -7.79 -12.84
CA THR A 141 -15.42 -8.46 -11.71
C THR A 141 -15.69 -9.96 -11.73
N GLN A 142 -16.95 -10.33 -11.92
CA GLN A 142 -17.35 -11.73 -11.96
C GLN A 142 -16.69 -12.45 -13.13
N LYS A 143 -16.61 -11.78 -14.28
CA LYS A 143 -16.09 -12.42 -15.49
C LYS A 143 -14.57 -12.56 -15.52
N TYR A 144 -13.88 -11.45 -15.29
CA TYR A 144 -12.41 -11.38 -15.26
C TYR A 144 -11.64 -11.70 -13.97
N ALA A 145 -12.21 -11.31 -12.84
CA ALA A 145 -11.48 -11.31 -11.56
C ALA A 145 -11.76 -12.45 -10.62
N MET A 146 -12.61 -13.39 -11.04
CA MET A 146 -13.03 -14.50 -10.19
C MET A 146 -12.94 -15.81 -10.96
N SER B 5 -14.00 4.73 24.77
CA SER B 5 -12.63 5.16 24.57
C SER B 5 -11.72 3.97 24.23
N MET B 6 -11.05 4.04 23.09
CA MET B 6 -10.23 2.94 22.62
C MET B 6 -8.96 3.43 21.96
N GLN B 7 -8.12 2.49 21.55
CA GLN B 7 -6.92 2.84 20.80
C GLN B 7 -6.83 2.09 19.48
N ILE B 8 -6.43 2.81 18.44
CA ILE B 8 -6.22 2.17 17.14
C ILE B 8 -4.79 2.45 16.69
N PHE B 9 -4.41 1.87 15.57
CA PHE B 9 -3.05 2.01 15.08
C PHE B 9 -3.07 2.68 13.73
N VAL B 10 -2.03 3.45 13.43
CA VAL B 10 -1.87 4.04 12.13
C VAL B 10 -0.49 3.70 11.60
N LYS B 11 -0.42 3.11 10.41
CA LYS B 11 0.87 2.89 9.80
C LYS B 11 1.16 4.16 9.00
N THR B 12 2.17 4.89 9.47
CA THR B 12 2.43 6.25 9.00
C THR B 12 3.29 6.26 7.76
N LEU B 13 3.71 7.45 7.34
CA LEU B 13 4.51 7.56 6.11
C LEU B 13 5.98 7.19 6.33
N THR B 14 6.34 6.94 7.59
CA THR B 14 7.66 6.45 7.95
CA THR B 14 7.67 6.44 7.92
C THR B 14 7.66 4.92 8.00
N GLY B 15 6.50 4.32 7.77
CA GLY B 15 6.38 2.88 7.87
C GLY B 15 6.28 2.39 9.31
N LYS B 16 6.57 3.28 10.26
CA LYS B 16 6.34 3.01 11.67
C LYS B 16 4.85 3.03 11.96
N THR B 17 4.45 2.35 13.02
CA THR B 17 3.06 2.35 13.44
C THR B 17 2.92 3.10 14.75
N ILE B 18 1.95 4.01 14.81
CA ILE B 18 1.71 4.79 16.01
C ILE B 18 0.36 4.42 16.60
N THR B 19 0.20 4.63 17.90
CA THR B 19 -1.04 4.32 18.59
C THR B 19 -1.80 5.60 18.91
N LEU B 20 -3.09 5.62 18.58
CA LEU B 20 -3.92 6.77 18.91
C LEU B 20 -5.00 6.39 19.90
N GLU B 21 -5.26 7.29 20.85
CA GLU B 21 -6.41 7.14 21.74
C GLU B 21 -7.59 7.87 21.11
N VAL B 22 -8.68 7.13 20.87
CA VAL B 22 -9.84 7.71 20.22
C VAL B 22 -11.16 7.25 20.81
N GLU B 23 -12.25 7.79 20.28
CA GLU B 23 -13.61 7.36 20.61
C GLU B 23 -14.25 6.93 19.31
N PRO B 24 -15.13 5.93 19.36
CA PRO B 24 -15.84 5.50 18.14
C PRO B 24 -16.53 6.68 17.46
N SER B 25 -16.87 7.71 18.23
CA SER B 25 -17.57 8.87 17.70
C SER B 25 -16.66 9.94 17.10
N ASP B 26 -15.36 9.81 17.27
CA ASP B 26 -14.43 10.77 16.69
C ASP B 26 -14.55 10.78 15.17
N THR B 27 -14.54 11.98 14.59
CA THR B 27 -14.52 12.12 13.14
C THR B 27 -13.14 11.82 12.55
N ILE B 28 -13.13 11.51 11.25
CA ILE B 28 -11.89 11.31 10.54
C ILE B 28 -11.02 12.57 10.62
N GLU B 29 -11.68 13.73 10.54
CA GLU B 29 -10.99 15.01 10.67
C GLU B 29 -10.22 15.06 11.98
N ASN B 30 -10.87 14.62 13.06
CA ASN B 30 -10.26 14.60 14.38
C ASN B 30 -9.05 13.68 14.41
N VAL B 31 -9.21 12.50 13.80
CA VAL B 31 -8.13 11.53 13.73
C VAL B 31 -6.93 12.10 12.96
N LYS B 32 -7.20 12.76 11.84
CA LYS B 32 -6.13 13.37 11.07
C LYS B 32 -5.42 14.47 11.87
N ALA B 33 -6.15 15.18 12.72
CA ALA B 33 -5.53 16.19 13.56
C ALA B 33 -4.58 15.55 14.56
N LYS B 34 -4.98 14.42 15.13
CA LYS B 34 -4.11 13.67 16.05
C LYS B 34 -2.86 13.16 15.33
N ILE B 35 -3.04 12.71 14.09
CA ILE B 35 -1.90 12.28 13.28
C ILE B 35 -0.96 13.44 13.01
N GLN B 36 -1.52 14.60 12.68
CA GLN B 36 -0.70 15.79 12.43
C GLN B 36 0.15 16.17 13.66
N ASP B 37 -0.44 16.05 14.84
CA ASP B 37 0.29 16.38 16.05
C ASP B 37 1.54 15.53 16.22
N LYS B 38 1.43 14.25 15.86
CA LYS B 38 2.58 13.36 15.91
C LYS B 38 3.53 13.46 14.70
N GLU B 39 2.96 13.40 13.50
CA GLU B 39 3.75 13.30 12.27
C GLU B 39 4.08 14.59 11.50
N GLY B 40 3.42 15.68 11.87
CA GLY B 40 3.62 16.95 11.20
C GLY B 40 3.20 17.01 9.75
N ILE B 41 2.18 16.23 9.39
CA ILE B 41 1.61 16.24 8.05
C ILE B 41 0.24 16.87 8.14
N PRO B 42 -0.02 17.93 7.36
CA PRO B 42 -1.34 18.57 7.47
C PRO B 42 -2.44 17.61 7.03
N PRO B 43 -3.60 17.68 7.69
CA PRO B 43 -4.71 16.82 7.28
C PRO B 43 -4.97 16.84 5.77
N ASP B 44 -4.78 18.01 5.14
CA ASP B 44 -5.03 18.13 3.69
C ASP B 44 -4.18 17.18 2.83
N GLN B 45 -3.02 16.76 3.35
CA GLN B 45 -2.16 15.83 2.63
C GLN B 45 -2.29 14.36 3.07
N GLN B 46 -3.11 14.12 4.10
CA GLN B 46 -3.32 12.76 4.60
C GLN B 46 -4.47 12.07 3.88
N ARG B 47 -4.23 10.83 3.48
CA ARG B 47 -5.31 9.95 3.01
C ARG B 47 -5.27 8.70 3.87
N LEU B 48 -6.35 8.46 4.62
CA LEU B 48 -6.45 7.26 5.44
C LEU B 48 -7.24 6.18 4.73
N ILE B 49 -6.73 4.96 4.80
CA ILE B 49 -7.34 3.80 4.16
C ILE B 49 -7.63 2.69 5.17
N PHE B 50 -8.84 2.14 5.11
CA PHE B 50 -9.24 1.01 5.92
C PHE B 50 -10.13 0.12 5.05
N ALA B 51 -9.89 -1.19 5.11
CA ALA B 51 -10.66 -2.14 4.30
C ALA B 51 -10.62 -1.78 2.81
N GLY B 52 -9.50 -1.22 2.38
CA GLY B 52 -9.29 -0.91 0.97
C GLY B 52 -9.93 0.37 0.45
N LYS B 53 -10.56 1.14 1.33
CA LYS B 53 -11.25 2.37 0.93
C LYS B 53 -10.75 3.60 1.69
N GLN B 54 -10.83 4.78 1.05
CA GLN B 54 -10.49 6.01 1.75
C GLN B 54 -11.54 6.32 2.80
N LEU B 55 -11.08 6.94 3.88
CA LEU B 55 -11.95 7.42 4.95
C LEU B 55 -12.22 8.91 4.75
N GLU B 56 -13.49 9.26 4.64
CA GLU B 56 -13.85 10.63 4.30
C GLU B 56 -14.04 11.53 5.51
N ASP B 57 -13.58 12.78 5.40
CA ASP B 57 -13.81 13.75 6.44
C ASP B 57 -15.32 13.94 6.61
N GLY B 58 -15.76 14.08 7.85
CA GLY B 58 -17.17 14.24 8.14
C GLY B 58 -17.80 12.99 8.72
N ARG B 59 -17.15 11.84 8.52
CA ARG B 59 -17.67 10.62 9.11
C ARG B 59 -16.90 10.24 10.37
N THR B 60 -17.35 9.18 11.03
CA THR B 60 -16.78 8.78 12.32
C THR B 60 -16.18 7.39 12.19
N LEU B 61 -15.28 7.05 13.11
CA LEU B 61 -14.68 5.73 13.14
C LEU B 61 -15.78 4.65 13.16
N SER B 62 -16.81 4.88 13.96
CA SER B 62 -17.92 3.93 14.07
C SER B 62 -18.66 3.76 12.74
N ASP B 63 -18.82 4.85 12.00
CA ASP B 63 -19.46 4.78 10.69
C ASP B 63 -18.77 3.75 9.80
N TYR B 64 -17.47 3.63 9.99
CA TYR B 64 -16.66 2.73 9.19
C TYR B 64 -16.44 1.37 9.83
N ASN B 65 -17.07 1.16 10.97
CA ASN B 65 -16.95 -0.12 11.68
C ASN B 65 -15.51 -0.34 12.11
N ILE B 66 -14.83 0.76 12.47
CA ILE B 66 -13.47 0.67 12.95
C ILE B 66 -13.51 0.46 14.47
N GLN B 67 -12.96 -0.68 14.89
CA GLN B 67 -13.02 -1.09 16.28
C GLN B 67 -11.67 -0.92 16.96
N LYS B 68 -11.60 -1.29 18.23
CA LYS B 68 -10.34 -1.25 18.96
C LYS B 68 -9.30 -2.12 18.27
N GLU B 69 -8.06 -1.66 18.26
CA GLU B 69 -6.95 -2.45 17.72
C GLU B 69 -6.89 -2.45 16.19
N SER B 70 -7.86 -1.79 15.56
CA SER B 70 -7.85 -1.63 14.10
C SER B 70 -6.63 -0.84 13.64
N THR B 71 -6.12 -1.19 12.46
CA THR B 71 -5.01 -0.46 11.87
C THR B 71 -5.48 0.33 10.64
N LEU B 72 -5.22 1.63 10.65
CA LEU B 72 -5.49 2.48 9.50
C LEU B 72 -4.18 2.68 8.75
N HIS B 73 -4.26 2.76 7.42
CA HIS B 73 -3.07 3.02 6.62
C HIS B 73 -3.04 4.47 6.14
N LEU B 74 -1.97 5.18 6.48
CA LEU B 74 -1.79 6.54 5.99
C LEU B 74 -0.98 6.58 4.70
N VAL B 75 -1.57 7.10 3.63
CA VAL B 75 -0.83 7.37 2.41
C VAL B 75 -0.97 8.86 2.09
N LEU B 76 -0.38 9.31 0.99
CA LEU B 76 -0.50 10.71 0.57
C LEU B 76 -1.79 10.99 -0.19
N ARG B 77 -2.27 12.21 -0.05
CA ARG B 77 -3.41 12.68 -0.84
C ARG B 77 -3.14 12.34 -2.31
N LEU B 78 -4.18 11.82 -2.98
CA LEU B 78 -4.06 11.38 -4.38
C LEU B 78 -5.32 11.75 -5.15
N ARG B 79 -5.21 11.76 -6.48
CA ARG B 79 -6.37 11.93 -7.35
C ARG B 79 -6.13 11.13 -8.61
N GLY B 80 -7.15 10.37 -9.04
CA GLY B 80 -7.07 9.75 -10.35
C GLY B 80 -7.13 10.83 -11.41
N GLY B 81 -6.88 10.44 -12.64
CA GLY B 81 -7.04 11.37 -13.74
C GLY B 81 -6.91 10.61 -15.04
N GLU C 8 19.54 24.43 -1.42
CA GLU C 8 20.87 23.87 -1.16
C GLU C 8 21.47 24.46 0.11
N GLN C 9 20.91 25.57 0.57
CA GLN C 9 21.35 26.21 1.80
C GLN C 9 20.50 25.80 3.01
N LEU C 10 19.54 24.90 2.81
CA LEU C 10 18.66 24.47 3.91
C LEU C 10 19.44 23.91 5.10
N PRO C 11 18.87 24.04 6.32
CA PRO C 11 19.69 23.65 7.48
C PRO C 11 20.10 22.18 7.47
N SER C 12 21.29 21.92 8.00
CA SER C 12 21.80 20.56 8.14
C SER C 12 22.46 20.39 9.49
N TYR C 13 22.44 19.16 10.00
CA TYR C 13 23.13 18.89 11.27
C TYR C 13 23.50 17.41 11.34
N ARG C 14 24.41 17.06 12.23
CA ARG C 14 24.77 15.66 12.37
C ARG C 14 24.04 14.98 13.52
N PHE C 15 23.44 13.83 13.19
CA PHE C 15 22.58 13.09 14.10
C PHE C 15 23.32 12.63 15.34
N ASN C 16 22.74 12.89 16.50
CA ASN C 16 23.23 12.36 17.76
C ASN C 16 22.16 11.48 18.40
N PRO C 17 22.38 10.15 18.42
CA PRO C 17 21.35 9.27 18.97
C PRO C 17 21.12 9.51 20.46
N ASN C 18 22.12 10.03 21.15
CA ASN C 18 21.97 10.35 22.57
C ASN C 18 21.34 11.70 22.85
N ASN C 19 21.40 12.61 21.87
CA ASN C 19 20.71 13.88 22.00
C ASN C 19 19.89 14.14 20.75
N HIS C 20 18.57 14.09 20.90
CA HIS C 20 17.69 14.23 19.75
C HIS C 20 17.22 15.67 19.65
N GLN C 21 17.28 16.23 18.45
CA GLN C 21 16.73 17.56 18.25
C GLN C 21 15.30 17.46 17.71
N SER C 22 14.86 16.24 17.43
CA SER C 22 13.47 15.98 17.01
C SER C 22 13.10 14.50 17.22
N GLU C 23 11.87 14.15 16.82
CA GLU C 23 11.31 12.81 17.04
C GLU C 23 11.47 11.84 15.86
N GLN C 24 12.08 12.31 14.79
CA GLN C 24 12.23 11.49 13.59
CA GLN C 24 12.24 11.51 13.58
C GLN C 24 13.51 10.64 13.64
N THR C 25 13.34 9.32 13.50
CA THR C 25 14.45 8.35 13.53
C THR C 25 14.95 7.76 12.20
N LEU C 26 14.30 8.10 11.09
CA LEU C 26 14.46 7.30 9.88
C LEU C 26 14.32 8.16 8.64
N CYS C 27 15.12 7.85 7.62
CA CYS C 27 15.02 8.55 6.32
C CYS C 27 14.07 7.83 5.36
N VAL C 28 12.99 8.50 4.97
CA VAL C 28 11.98 7.84 4.13
C VAL C 28 12.39 7.69 2.67
N VAL C 29 13.47 8.36 2.25
CA VAL C 29 13.96 8.18 0.89
C VAL C 29 14.66 6.82 0.73
N CYS C 30 15.62 6.51 1.60
CA CYS C 30 16.29 5.20 1.55
C CYS C 30 15.66 4.15 2.45
N MET C 31 14.73 4.59 3.31
CA MET C 31 14.11 3.72 4.31
C MET C 31 15.15 3.08 5.26
N CYS C 32 16.18 3.85 5.60
CA CYS C 32 17.17 3.44 6.60
C CYS C 32 17.18 4.40 7.78
N ASP C 33 17.57 3.89 8.94
CA ASP C 33 17.66 4.70 10.15
C ASP C 33 18.69 5.82 10.04
N PHE C 34 18.43 6.91 10.76
CA PHE C 34 19.49 7.87 11.08
C PHE C 34 20.52 7.20 12.00
N GLU C 35 21.80 7.37 11.66
CA GLU C 35 22.88 6.82 12.49
C GLU C 35 23.76 7.95 12.97
N SER C 36 24.49 7.70 14.06
CA SER C 36 25.34 8.71 14.68
C SER C 36 26.28 9.39 13.67
N ARG C 37 26.28 10.72 13.71
CA ARG C 37 27.17 11.56 12.89
C ARG C 37 26.76 11.74 11.42
N GLN C 38 25.70 11.06 10.99
CA GLN C 38 25.20 11.22 9.62
C GLN C 38 24.67 12.62 9.42
N LEU C 39 24.91 13.20 8.23
CA LEU C 39 24.46 14.56 7.98
C LEU C 39 23.02 14.51 7.56
N LEU C 40 22.19 15.20 8.32
CA LEU C 40 20.76 15.26 8.01
C LEU C 40 20.40 16.62 7.49
N ARG C 41 19.43 16.65 6.57
CA ARG C 41 18.91 17.89 6.03
C ARG C 41 17.51 18.07 6.55
N VAL C 42 17.19 19.30 6.95
CA VAL C 42 15.90 19.61 7.53
C VAL C 42 15.21 20.65 6.67
N LEU C 43 14.03 20.30 6.17
CA LEU C 43 13.27 21.20 5.31
C LEU C 43 12.47 22.19 6.17
N PRO C 44 11.94 23.25 5.55
CA PRO C 44 11.23 24.31 6.30
C PRO C 44 10.01 23.80 7.06
N CYS C 45 9.46 22.67 6.61
CA CYS C 45 8.32 22.04 7.27
C CYS C 45 8.75 21.18 8.45
N ASN C 46 10.06 21.16 8.69
CA ASN C 46 10.68 20.45 9.82
C ASN C 46 10.91 18.96 9.60
N HIS C 47 10.49 18.42 8.45
CA HIS C 47 10.82 17.03 8.17
C HIS C 47 12.29 16.83 7.87
N GLU C 48 12.85 15.72 8.35
CA GLU C 48 14.28 15.46 8.29
C GLU C 48 14.58 14.21 7.46
N PHE C 49 15.74 14.20 6.81
CA PHE C 49 16.15 13.11 5.94
C PHE C 49 17.67 13.06 5.96
N HIS C 50 18.28 11.98 5.48
CA HIS C 50 19.69 12.10 5.13
C HIS C 50 19.87 13.20 4.10
N ALA C 51 20.87 14.05 4.27
CA ALA C 51 21.16 15.09 3.28
C ALA C 51 21.39 14.47 1.88
N LYS C 52 22.21 13.43 1.80
CA LYS C 52 22.53 12.84 0.50
C LYS C 52 21.26 12.42 -0.21
N CYS C 53 20.34 11.81 0.53
CA CYS C 53 19.11 11.29 -0.06
C CYS C 53 18.16 12.39 -0.49
N VAL C 54 17.83 13.29 0.42
CA VAL C 54 16.81 14.30 0.08
C VAL C 54 17.37 15.36 -0.87
N ASP C 55 18.67 15.63 -0.82
CA ASP C 55 19.24 16.59 -1.75
C ASP C 55 19.06 16.11 -3.18
N LYS C 56 19.17 14.81 -3.40
CA LYS C 56 18.99 14.25 -4.74
C LYS C 56 17.55 14.43 -5.20
N TRP C 57 16.60 14.23 -4.30
CA TRP C 57 15.20 14.46 -4.62
C TRP C 57 14.97 15.92 -4.95
N LEU C 58 15.58 16.81 -4.16
CA LEU C 58 15.35 18.25 -4.33
C LEU C 58 16.06 18.87 -5.54
N LYS C 59 16.91 18.09 -6.21
CA LYS C 59 17.52 18.58 -7.43
C LYS C 59 16.47 18.65 -8.53
N ALA C 60 15.63 17.61 -8.57
CA ALA C 60 14.55 17.51 -9.56
C ALA C 60 13.15 17.98 -9.11
N ASN C 61 12.99 18.24 -7.81
CA ASN C 61 11.67 18.52 -7.24
C ASN C 61 11.81 19.55 -6.12
N ARG C 62 10.76 20.32 -5.89
CA ARG C 62 10.78 21.38 -4.88
C ARG C 62 10.15 20.98 -3.56
N THR C 63 9.63 19.75 -3.47
CA THR C 63 8.68 19.43 -2.42
C THR C 63 9.16 18.42 -1.37
N CYS C 64 8.68 18.58 -0.15
CA CYS C 64 8.93 17.58 0.88
C CYS C 64 8.33 16.23 0.54
N PRO C 65 9.12 15.15 0.60
CA PRO C 65 8.54 13.82 0.31
C PRO C 65 7.38 13.46 1.25
N ILE C 66 7.44 13.94 2.49
CA ILE C 66 6.44 13.57 3.48
C ILE C 66 5.14 14.37 3.45
N CYS C 67 5.27 15.69 3.41
CA CYS C 67 4.12 16.61 3.38
C CYS C 67 3.85 17.42 2.13
N ARG C 68 4.74 17.30 1.14
CA ARG C 68 4.62 18.09 -0.10
C ARG C 68 4.88 19.61 0.04
N ALA C 69 5.19 20.08 1.25
CA ALA C 69 5.46 21.50 1.42
C ALA C 69 6.62 21.94 0.52
N ASP C 70 6.50 23.11 -0.08
CA ASP C 70 7.55 23.62 -0.96
C ASP C 70 8.78 23.99 -0.13
N ALA C 71 9.89 23.36 -0.43
CA ALA C 71 11.09 23.53 0.38
C ALA C 71 11.80 24.84 0.10
N SER C 72 11.38 25.54 -0.94
CA SER C 72 11.97 26.85 -1.28
C SER C 72 11.15 27.98 -0.68
N GLU C 73 10.07 27.64 0.00
CA GLU C 73 9.21 28.61 0.67
C GLU C 73 9.15 28.34 2.17
N VAL C 74 8.86 29.36 2.97
CA VAL C 74 8.67 29.16 4.39
C VAL C 74 7.22 28.79 4.70
N HIS C 75 7.04 27.75 5.51
CA HIS C 75 5.69 27.33 5.92
C HIS C 75 5.38 28.04 7.24
N ARG C 76 4.42 28.96 7.22
CA ARG C 76 4.07 29.71 8.41
C ARG C 76 3.05 28.98 9.27
N SER D 5 12.66 -27.22 8.94
CA SER D 5 11.31 -27.00 9.40
C SER D 5 11.07 -25.54 9.80
N MET D 6 9.94 -24.97 9.39
CA MET D 6 9.67 -23.58 9.69
C MET D 6 8.19 -23.29 9.82
N GLN D 7 7.86 -22.06 10.15
CA GLN D 7 6.47 -21.67 10.19
C GLN D 7 6.19 -20.56 9.19
N ILE D 8 5.01 -20.66 8.59
CA ILE D 8 4.54 -19.64 7.66
C ILE D 8 3.14 -19.31 8.10
N PHE D 9 2.61 -18.20 7.59
CA PHE D 9 1.33 -17.69 7.99
C PHE D 9 0.43 -17.59 6.79
N VAL D 10 -0.86 -17.80 7.02
CA VAL D 10 -1.86 -17.69 5.95
C VAL D 10 -2.98 -16.76 6.40
N LYS D 11 -3.27 -15.74 5.61
CA LYS D 11 -4.29 -14.75 5.93
C LYS D 11 -5.47 -14.83 4.98
N THR D 12 -6.66 -14.63 5.52
CA THR D 12 -7.86 -14.40 4.72
C THR D 12 -8.09 -12.89 4.76
N LEU D 13 -8.66 -12.33 3.69
CA LEU D 13 -8.83 -10.87 3.65
C LEU D 13 -9.46 -10.36 4.95
N THR D 14 -10.62 -10.90 5.31
CA THR D 14 -11.26 -10.54 6.58
C THR D 14 -10.91 -11.48 7.73
N GLY D 15 -10.29 -12.61 7.43
CA GLY D 15 -10.10 -13.65 8.42
C GLY D 15 -8.90 -13.45 9.31
N LYS D 16 -8.77 -14.29 10.33
CA LYS D 16 -7.63 -14.22 11.21
C LYS D 16 -6.43 -14.78 10.46
N THR D 17 -5.27 -14.76 11.09
CA THR D 17 -4.09 -15.34 10.50
C THR D 17 -3.83 -16.66 11.17
N ILE D 18 -3.57 -17.70 10.39
CA ILE D 18 -3.25 -18.98 10.98
C ILE D 18 -1.80 -19.33 10.72
N THR D 19 -1.23 -20.11 11.62
CA THR D 19 0.15 -20.52 11.51
C THR D 19 0.24 -21.97 11.06
N LEU D 20 1.08 -22.22 10.07
CA LEU D 20 1.34 -23.57 9.62
C LEU D 20 2.78 -23.93 9.90
N GLU D 21 3.00 -25.19 10.28
CA GLU D 21 4.35 -25.73 10.37
C GLU D 21 4.62 -26.48 9.07
N VAL D 22 5.66 -26.06 8.36
CA VAL D 22 5.97 -26.64 7.05
C VAL D 22 7.47 -26.84 6.86
N GLU D 23 7.82 -27.42 5.71
CA GLU D 23 9.21 -27.51 5.28
C GLU D 23 9.30 -26.91 3.89
N PRO D 24 10.47 -26.33 3.54
CA PRO D 24 10.69 -25.73 2.22
C PRO D 24 10.32 -26.69 1.09
N SER D 25 10.46 -27.99 1.34
CA SER D 25 10.19 -29.00 0.33
C SER D 25 8.70 -29.31 0.19
N ASP D 26 7.88 -28.83 1.13
CA ASP D 26 6.44 -29.05 1.07
C ASP D 26 5.86 -28.51 -0.23
N THR D 27 5.00 -29.30 -0.86
CA THR D 27 4.27 -28.87 -2.04
C THR D 27 3.09 -27.98 -1.66
N ILE D 28 2.64 -27.16 -2.61
CA ILE D 28 1.45 -26.35 -2.39
C ILE D 28 0.25 -27.23 -2.01
N GLU D 29 0.12 -28.38 -2.67
CA GLU D 29 -0.94 -29.34 -2.33
C GLU D 29 -0.84 -29.73 -0.86
N ASN D 30 0.36 -30.02 -0.39
CA ASN D 30 0.59 -30.32 1.02
C ASN D 30 0.08 -29.19 1.90
N VAL D 31 0.43 -27.96 1.53
CA VAL D 31 0.02 -26.81 2.34
C VAL D 31 -1.50 -26.69 2.38
N LYS D 32 -2.16 -26.92 1.24
CA LYS D 32 -3.61 -26.86 1.23
C LYS D 32 -4.23 -27.93 2.13
N ALA D 33 -3.59 -29.10 2.19
CA ALA D 33 -4.07 -30.16 3.06
C ALA D 33 -3.93 -29.72 4.52
N LYS D 34 -2.86 -28.98 4.82
CA LYS D 34 -2.67 -28.46 6.17
C LYS D 34 -3.71 -27.41 6.55
N ILE D 35 -4.07 -26.57 5.58
CA ILE D 35 -5.14 -25.59 5.78
C ILE D 35 -6.47 -26.32 6.00
N GLN D 36 -6.74 -27.35 5.20
CA GLN D 36 -7.96 -28.14 5.40
C GLN D 36 -8.04 -28.74 6.79
N ASP D 37 -6.91 -29.23 7.32
CA ASP D 37 -6.93 -29.85 8.64
C ASP D 37 -7.39 -28.85 9.70
N LYS D 38 -6.89 -27.63 9.61
CA LYS D 38 -7.20 -26.60 10.59
C LYS D 38 -8.50 -25.86 10.37
N GLU D 39 -8.77 -25.47 9.11
CA GLU D 39 -9.92 -24.66 8.74
C GLU D 39 -11.13 -25.37 8.15
N GLY D 40 -10.94 -26.63 7.76
CA GLY D 40 -12.01 -27.40 7.13
C GLY D 40 -12.37 -27.01 5.69
N ILE D 41 -11.54 -26.18 5.05
CA ILE D 41 -11.76 -25.78 3.66
CA ILE D 41 -11.77 -25.80 3.67
C ILE D 41 -11.16 -26.84 2.73
N PRO D 42 -11.98 -27.42 1.85
CA PRO D 42 -11.39 -28.41 0.94
C PRO D 42 -10.33 -27.78 0.02
N PRO D 43 -9.25 -28.52 -0.28
CA PRO D 43 -8.20 -27.97 -1.14
C PRO D 43 -8.73 -27.39 -2.46
N ASP D 44 -9.73 -28.03 -3.07
CA ASP D 44 -10.24 -27.53 -4.35
C ASP D 44 -10.95 -26.18 -4.24
N GLN D 45 -11.25 -25.74 -3.03
CA GLN D 45 -11.84 -24.41 -2.82
C GLN D 45 -10.77 -23.35 -2.53
N GLN D 46 -9.53 -23.79 -2.34
CA GLN D 46 -8.47 -22.87 -1.92
C GLN D 46 -7.65 -22.37 -3.08
N ARG D 47 -7.46 -21.05 -3.11
CA ARG D 47 -6.49 -20.44 -3.99
C ARG D 47 -5.50 -19.71 -3.10
N LEU D 48 -4.23 -20.06 -3.25
CA LEU D 48 -3.19 -19.45 -2.46
C LEU D 48 -2.38 -18.48 -3.31
N ILE D 49 -2.05 -17.34 -2.69
CA ILE D 49 -1.28 -16.30 -3.36
C ILE D 49 -0.10 -15.93 -2.47
N PHE D 50 1.07 -15.80 -3.10
CA PHE D 50 2.23 -15.26 -2.42
C PHE D 50 2.96 -14.35 -3.38
N ALA D 51 3.31 -13.16 -2.90
CA ALA D 51 4.16 -12.25 -3.66
C ALA D 51 3.57 -12.00 -5.05
N GLY D 52 2.25 -11.79 -5.11
CA GLY D 52 1.60 -11.43 -6.34
C GLY D 52 1.35 -12.57 -7.30
N LYS D 53 1.65 -13.79 -6.87
CA LYS D 53 1.48 -14.96 -7.74
C LYS D 53 0.52 -16.01 -7.16
N GLN D 54 -0.31 -16.59 -8.03
CA GLN D 54 -1.12 -17.74 -7.64
C GLN D 54 -0.20 -18.96 -7.56
N LEU D 55 -0.35 -19.73 -6.49
CA LEU D 55 0.57 -20.84 -6.26
C LEU D 55 0.02 -22.14 -6.86
N GLU D 56 0.89 -22.88 -7.57
CA GLU D 56 0.47 -24.10 -8.27
C GLU D 56 0.75 -25.35 -7.44
N ASP D 57 -0.21 -26.27 -7.44
CA ASP D 57 -0.18 -27.43 -6.56
C ASP D 57 1.10 -28.26 -6.55
N GLY D 58 1.70 -28.47 -7.72
CA GLY D 58 2.85 -29.35 -7.84
C GLY D 58 4.17 -28.73 -7.42
N ARG D 59 4.23 -27.41 -7.37
CA ARG D 59 5.42 -26.69 -6.94
C ARG D 59 5.60 -26.77 -5.42
N THR D 60 6.81 -26.49 -4.95
CA THR D 60 7.05 -26.42 -3.52
C THR D 60 7.18 -24.99 -3.01
N LEU D 61 7.30 -24.84 -1.70
CA LEU D 61 7.43 -23.54 -1.08
C LEU D 61 8.74 -22.87 -1.48
N SER D 62 9.80 -23.66 -1.57
CA SER D 62 11.10 -23.15 -1.96
C SER D 62 11.09 -22.61 -3.40
N ASP D 63 10.28 -23.22 -4.26
CA ASP D 63 10.18 -22.76 -5.65
C ASP D 63 9.72 -21.32 -5.72
N TYR D 64 8.89 -20.94 -4.75
CA TYR D 64 8.32 -19.59 -4.68
C TYR D 64 9.11 -18.62 -3.79
N ASN D 65 10.26 -19.09 -3.31
CA ASN D 65 11.06 -18.31 -2.37
C ASN D 65 10.28 -18.00 -1.10
N ILE D 66 9.44 -18.94 -0.69
CA ILE D 66 8.72 -18.83 0.57
C ILE D 66 9.60 -19.38 1.68
N GLN D 67 9.87 -18.54 2.66
CA GLN D 67 10.82 -18.88 3.71
C GLN D 67 10.20 -18.66 5.08
N LYS D 68 11.01 -18.79 6.11
CA LYS D 68 10.53 -18.65 7.47
C LYS D 68 9.72 -17.36 7.63
N GLU D 69 8.54 -17.51 8.22
CA GLU D 69 7.65 -16.41 8.55
C GLU D 69 7.11 -15.64 7.34
N SER D 70 7.12 -16.26 6.17
CA SER D 70 6.43 -15.70 5.01
C SER D 70 4.94 -15.73 5.28
N THR D 71 4.22 -14.79 4.67
CA THR D 71 2.76 -14.76 4.78
C THR D 71 2.12 -14.98 3.42
N LEU D 72 1.17 -15.91 3.37
CA LEU D 72 0.44 -16.27 2.16
C LEU D 72 -0.97 -15.75 2.31
N HIS D 73 -1.61 -15.45 1.17
CA HIS D 73 -3.00 -15.05 1.17
C HIS D 73 -3.88 -16.19 0.67
N LEU D 74 -4.95 -16.47 1.40
CA LEU D 74 -5.93 -17.46 0.99
C LEU D 74 -7.18 -16.78 0.45
N VAL D 75 -7.52 -17.12 -0.79
CA VAL D 75 -8.73 -16.59 -1.42
C VAL D 75 -9.64 -17.77 -1.73
N LEU D 76 -10.92 -17.62 -1.44
CA LEU D 76 -11.86 -18.72 -1.58
C LEU D 76 -12.78 -18.52 -2.79
C1 EDO E . -13.20 -0.06 -21.58
O1 EDO E . -13.10 -1.21 -22.45
C2 EDO E . -11.82 0.27 -20.99
O2 EDO E . -11.35 -0.77 -20.12
C1 EDO F . -2.17 7.02 -18.40
O1 EDO F . -1.05 6.23 -17.99
C2 EDO F . -2.05 7.36 -19.88
O2 EDO F . -1.87 6.16 -20.64
ZN ZN G . 18.40 8.22 3.38
ZN ZN H . 7.48 18.06 5.17
#